data_9KYL
#
_entry.id   9KYL
#
_cell.length_a   74.339
_cell.length_b   74.798
_cell.length_c   73.304
_cell.angle_alpha   90.000
_cell.angle_beta   102.608
_cell.angle_gamma   90.000
#
_symmetry.space_group_name_H-M   'C 1 2 1'
#
loop_
_entity.id
_entity.type
_entity.pdbx_description
1 polymer 'Activating signal cointegrator 1'
2 polymer "DNA (5'-D(*CP*GP*GP*TP*AP*AP*TP*TP*CP*T)-3')"
3 polymer "DNA (5'-D(*AP*GP*AP*AP*AP*TP*AP*CP*CP*G)-3')"
4 water water
#
loop_
_entity_poly.entity_id
_entity_poly.type
_entity_poly.pdbx_seq_one_letter_code
_entity_poly.pdbx_strand_id
1 'polypeptide(L)'
;GLEFNSFQHQLRIQDQEFQEGFDGGWCLSVHQPWASLLVRGIKRVEGRSWYTPHRGRLWIAATAKKPSPQEVSELQATYR
LLRGKDVEFPNDYPSGCLLGCVDLIDCLSQKQFKEQFPDISQESDSPFVFICKNPQEMVVKFPIKGNPKIWKLDSKIHQG
AKKGLMKQNKAV
;
A,B
2 'polydeoxyribonucleotide' (DC)(DG)(DG)(DT)(DA)(DA)(DT)(DT)(DC)(DT) C
3 'polydeoxyribonucleotide' (DA)(DG)(DA)(DA)(DA)(DT)(DA)(DC)(DC)(DG) D
#
# COMPACT_ATOMS: atom_id res chain seq x y z
N GLY A 25 -4.51 14.16 -7.08
CA GLY A 25 -5.11 13.75 -5.81
C GLY A 25 -4.14 13.14 -4.80
N TRP A 26 -4.18 13.68 -3.58
CA TRP A 26 -3.30 13.30 -2.48
C TRP A 26 -4.13 12.81 -1.29
N CYS A 27 -3.61 11.81 -0.58
CA CYS A 27 -4.40 11.15 0.45
C CYS A 27 -3.61 11.08 1.76
N LEU A 28 -4.33 11.12 2.88
CA LEU A 28 -3.75 10.87 4.20
C LEU A 28 -4.51 9.76 4.89
N SER A 29 -3.82 8.71 5.36
CA SER A 29 -4.47 7.61 6.04
C SER A 29 -4.51 7.91 7.54
N VAL A 30 -5.67 7.69 8.16
CA VAL A 30 -5.96 8.08 9.54
C VAL A 30 -6.70 6.92 10.20
N HIS A 31 -6.34 6.60 11.44
CA HIS A 31 -7.03 5.57 12.21
C HIS A 31 -8.48 5.95 12.48
N GLN A 32 -9.39 4.97 12.36
CA GLN A 32 -10.71 5.14 12.92
C GLN A 32 -10.62 5.10 14.44
N PRO A 33 -11.52 5.80 15.15
CA PRO A 33 -12.66 6.57 14.63
C PRO A 33 -12.32 8.00 14.27
N TRP A 34 -11.06 8.41 14.41
CA TRP A 34 -10.67 9.78 14.09
C TRP A 34 -10.95 10.10 12.63
N ALA A 35 -10.75 9.13 11.74
CA ALA A 35 -10.86 9.41 10.31
C ALA A 35 -12.26 9.89 9.93
N SER A 36 -13.29 9.15 10.31
CA SER A 36 -14.66 9.57 9.96
C SER A 36 -15.02 10.89 10.62
N LEU A 37 -14.55 11.13 11.84
CA LEU A 37 -14.75 12.43 12.47
C LEU A 37 -14.13 13.56 11.67
N LEU A 38 -12.98 13.31 11.01
CA LEU A 38 -12.39 14.36 10.19
C LEU A 38 -13.29 14.72 9.03
N VAL A 39 -13.78 13.72 8.31
CA VAL A 39 -14.58 14.04 7.14
C VAL A 39 -15.95 14.56 7.56
N ARG A 40 -16.34 14.37 8.82
CA ARG A 40 -17.58 14.92 9.36
C ARG A 40 -17.47 16.39 9.75
N GLY A 41 -16.26 16.90 9.93
CA GLY A 41 -16.07 18.19 10.55
C GLY A 41 -16.10 18.16 12.06
N ILE A 42 -16.35 17.00 12.67
CA ILE A 42 -16.37 16.93 14.12
C ILE A 42 -14.97 17.10 14.67
N LYS A 43 -14.01 16.42 14.06
CA LYS A 43 -12.60 16.62 14.38
C LYS A 43 -12.10 17.67 13.40
N ARG A 44 -11.52 18.75 13.92
CA ARG A 44 -11.15 19.88 13.08
C ARG A 44 -9.65 20.00 12.79
N VAL A 45 -8.78 19.31 13.53
CA VAL A 45 -7.36 19.33 13.23
C VAL A 45 -6.85 17.91 13.26
N GLU A 46 -5.72 17.69 12.59
CA GLU A 46 -5.03 16.41 12.63
C GLU A 46 -3.62 16.72 13.11
N GLY A 47 -3.22 16.09 14.21
CA GLY A 47 -1.90 16.32 14.77
C GLY A 47 -0.98 15.20 14.34
N ARG A 48 0.21 15.58 13.86
CA ARG A 48 1.22 14.62 13.44
C ARG A 48 2.58 15.03 14.00
N SER A 49 3.54 14.12 13.94
CA SER A 49 4.88 14.46 14.40
C SER A 49 5.73 15.16 13.32
N TRP A 50 5.22 15.32 12.10
CA TRP A 50 6.01 15.76 10.96
C TRP A 50 5.30 16.87 10.19
N TYR A 51 6.09 17.65 9.47
CA TYR A 51 5.55 18.77 8.71
C TYR A 51 5.24 18.31 7.29
N THR A 52 4.24 18.95 6.67
CA THR A 52 3.96 18.71 5.25
C THR A 52 3.74 20.03 4.52
N PRO A 53 4.31 20.22 3.33
CA PRO A 53 4.00 21.41 2.53
C PRO A 53 2.63 21.37 1.85
N HIS A 54 1.91 20.27 1.95
CA HIS A 54 0.69 20.09 1.18
C HIS A 54 -0.39 21.04 1.69
N ARG A 55 -1.13 21.64 0.77
CA ARG A 55 -2.24 22.53 1.11
C ARG A 55 -3.35 22.23 0.11
N GLY A 56 -4.57 22.64 0.44
CA GLY A 56 -5.70 22.34 -0.41
C GLY A 56 -6.26 20.94 -0.13
N ARG A 57 -6.96 20.40 -1.13
CA ARG A 57 -7.72 19.17 -0.97
C ARG A 57 -6.82 18.02 -0.54
N LEU A 58 -7.16 17.40 0.57
CA LEU A 58 -6.47 16.22 1.10
C LEU A 58 -7.48 15.12 1.36
N TRP A 59 -7.39 14.01 0.63
CA TRP A 59 -8.29 12.91 0.87
C TRP A 59 -7.93 12.20 2.17
N ILE A 60 -8.95 11.71 2.86
CA ILE A 60 -8.78 11.01 4.12
C ILE A 60 -9.22 9.56 3.89
N ALA A 61 -8.31 8.63 4.15
CA ALA A 61 -8.59 7.21 4.12
C ALA A 61 -8.48 6.67 5.53
N ALA A 62 -9.37 5.77 5.89
CA ALA A 62 -9.19 5.03 7.14
C ALA A 62 -8.09 3.99 6.95
N THR A 63 -7.22 3.88 7.94
CA THR A 63 -6.24 2.81 7.91
C THR A 63 -6.97 1.48 8.05
N ALA A 64 -6.20 0.40 7.98
CA ALA A 64 -6.76 -0.93 8.20
C ALA A 64 -6.98 -1.25 9.69
N LYS A 65 -6.43 -0.46 10.61
CA LYS A 65 -6.59 -0.74 12.04
C LYS A 65 -8.04 -0.60 12.47
N LYS A 66 -8.57 -1.60 13.17
CA LYS A 66 -9.97 -1.51 13.60
C LYS A 66 -10.07 -1.04 15.04
N PRO A 67 -10.84 0.01 15.31
CA PRO A 67 -11.07 0.43 16.70
C PRO A 67 -12.04 -0.50 17.41
N SER A 68 -11.82 -0.68 18.71
CA SER A 68 -12.79 -1.43 19.51
C SER A 68 -14.06 -0.59 19.70
N PRO A 69 -15.20 -1.25 19.92
CA PRO A 69 -16.42 -0.48 20.27
C PRO A 69 -16.22 0.38 21.50
N GLN A 70 -15.41 -0.08 22.46
CA GLN A 70 -15.14 0.72 23.65
C GLN A 70 -14.42 2.01 23.28
N GLU A 71 -13.40 1.88 22.43
CA GLU A 71 -12.62 3.04 22.02
C GLU A 71 -13.47 4.04 21.26
N VAL A 72 -14.33 3.55 20.38
CA VAL A 72 -15.23 4.44 19.66
C VAL A 72 -16.10 5.22 20.65
N SER A 73 -16.61 4.53 21.68
CA SER A 73 -17.49 5.18 22.65
C SER A 73 -16.75 6.21 23.48
N GLU A 74 -15.53 5.89 23.92
CA GLU A 74 -14.73 6.84 24.67
C GLU A 74 -14.36 8.07 23.83
N LEU A 75 -14.06 7.87 22.55
CA LEU A 75 -13.72 9.02 21.71
C LEU A 75 -14.91 9.92 21.49
N GLN A 76 -16.08 9.31 21.27
CA GLN A 76 -17.29 10.09 21.06
C GLN A 76 -17.61 10.91 22.29
N ALA A 77 -17.43 10.33 23.49
CA ALA A 77 -17.62 11.11 24.71
C ALA A 77 -16.68 12.30 24.70
N THR A 78 -15.42 12.08 24.29
CA THR A 78 -14.45 13.17 24.29
C THR A 78 -14.90 14.28 23.36
N TYR A 79 -15.49 13.94 22.23
CA TYR A 79 -15.91 14.97 21.30
C TYR A 79 -17.24 15.60 21.66
N ARG A 80 -18.03 14.93 22.52
CA ARG A 80 -19.20 15.57 23.11
C ARG A 80 -18.79 16.67 24.09
N LEU A 81 -17.70 16.45 24.84
CA LEU A 81 -17.15 17.52 25.67
C LEU A 81 -16.77 18.74 24.85
N LEU A 82 -16.17 18.53 23.69
CA LEU A 82 -15.60 19.63 22.92
C LEU A 82 -16.61 20.31 22.00
N ARG A 83 -17.69 19.63 21.59
CA ARG A 83 -18.60 20.15 20.59
C ARG A 83 -20.07 20.17 21.02
N GLY A 84 -20.39 19.71 22.22
CA GLY A 84 -21.76 19.68 22.71
C GLY A 84 -22.32 18.27 22.80
N LYS A 85 -23.46 18.17 23.50
CA LYS A 85 -24.13 16.89 23.70
C LYS A 85 -24.76 16.35 22.43
N ASP A 86 -25.17 17.22 21.51
CA ASP A 86 -25.91 16.78 20.34
C ASP A 86 -25.05 16.70 19.08
N VAL A 87 -23.76 16.40 19.24
CA VAL A 87 -22.96 16.04 18.09
C VAL A 87 -23.59 14.82 17.42
N GLU A 88 -23.76 14.89 16.11
CA GLU A 88 -24.24 13.76 15.31
C GLU A 88 -23.03 12.97 14.79
N PHE A 89 -22.71 11.91 15.48
CA PHE A 89 -21.62 11.03 15.10
C PHE A 89 -22.07 10.10 13.97
N PRO A 90 -21.13 9.65 13.12
CA PRO A 90 -21.47 8.63 12.12
C PRO A 90 -21.96 7.37 12.80
N ASN A 91 -22.71 6.57 12.06
CA ASN A 91 -23.27 5.35 12.61
C ASN A 91 -22.34 4.17 12.49
N ASP A 92 -21.26 4.30 11.70
CA ASP A 92 -20.22 3.30 11.63
C ASP A 92 -18.93 3.99 11.24
N TYR A 93 -17.82 3.30 11.50
CA TYR A 93 -16.48 3.81 11.27
C TYR A 93 -15.68 2.78 10.50
N PRO A 94 -15.97 2.62 9.21
CA PRO A 94 -15.38 1.53 8.44
C PRO A 94 -13.88 1.75 8.28
N SER A 95 -13.16 0.63 8.25
CA SER A 95 -11.72 0.59 8.11
C SER A 95 -11.32 0.33 6.66
N GLY A 96 -10.09 0.73 6.33
CA GLY A 96 -9.52 0.36 5.04
C GLY A 96 -10.23 0.92 3.84
N CYS A 97 -10.66 2.18 3.89
CA CYS A 97 -11.40 2.73 2.76
C CYS A 97 -11.24 4.25 2.69
N LEU A 98 -11.50 4.77 1.49
CA LEU A 98 -11.60 6.21 1.26
C LEU A 98 -12.89 6.78 1.85
N LEU A 99 -12.77 7.80 2.69
CA LEU A 99 -13.92 8.35 3.43
C LEU A 99 -14.44 9.68 2.92
N GLY A 100 -13.58 10.52 2.39
CA GLY A 100 -13.92 11.89 2.01
C GLY A 100 -12.64 12.69 1.93
N CYS A 101 -12.78 14.00 2.14
CA CYS A 101 -11.64 14.89 2.03
C CYS A 101 -11.87 16.13 2.87
N VAL A 102 -10.77 16.79 3.18
CA VAL A 102 -10.76 18.09 3.82
C VAL A 102 -9.95 19.00 2.91
N ASP A 103 -9.98 20.29 3.23
CA ASP A 103 -9.01 21.22 2.70
C ASP A 103 -7.99 21.43 3.80
N LEU A 104 -6.72 21.19 3.47
CA LEU A 104 -5.63 21.36 4.42
C LEU A 104 -5.13 22.79 4.26
N ILE A 105 -5.60 23.70 5.12
CA ILE A 105 -5.31 25.10 4.90
C ILE A 105 -3.97 25.51 5.49
N ASP A 106 -3.44 24.77 6.46
CA ASP A 106 -2.17 25.18 7.06
C ASP A 106 -1.63 24.02 7.87
N CYS A 107 -0.33 24.05 8.09
CA CYS A 107 0.35 23.05 8.91
C CYS A 107 1.18 23.86 9.89
N LEU A 108 0.69 24.00 11.12
CA LEU A 108 1.35 24.86 12.09
C LEU A 108 2.15 24.01 13.07
N SER A 109 3.26 24.58 13.53
CA SER A 109 3.93 24.00 14.70
C SER A 109 2.99 24.13 15.91
N GLN A 110 3.33 23.42 17.00
CA GLN A 110 2.51 23.54 18.20
C GLN A 110 2.42 24.97 18.72
N LYS A 111 3.49 25.77 18.58
CA LYS A 111 3.41 27.18 18.99
C LYS A 111 2.41 27.95 18.14
N GLN A 112 2.59 27.95 16.82
CA GLN A 112 1.70 28.72 15.96
C GLN A 112 0.27 28.23 16.08
N PHE A 113 0.08 26.96 16.43
CA PHE A 113 -1.25 26.47 16.71
C PHE A 113 -1.84 27.18 17.92
N LYS A 114 -1.11 27.18 19.04
CA LYS A 114 -1.58 27.89 20.23
C LYS A 114 -1.85 29.36 19.93
N GLU A 115 -0.99 29.98 19.12
CA GLU A 115 -1.17 31.41 18.85
C GLU A 115 -2.36 31.63 17.92
N GLN A 116 -2.50 30.82 16.89
CA GLN A 116 -3.48 31.22 15.90
C GLN A 116 -4.82 30.57 16.14
N PHE A 117 -4.91 29.60 17.05
CA PHE A 117 -6.19 28.90 17.19
C PHE A 117 -6.46 28.63 18.65
N PRO A 118 -6.38 29.66 19.50
CA PRO A 118 -6.39 29.41 20.94
C PRO A 118 -7.71 28.89 21.43
N ASP A 119 -8.76 28.97 20.62
CA ASP A 119 -10.07 28.45 20.99
C ASP A 119 -10.21 26.94 20.82
N ILE A 120 -9.28 26.29 20.11
CA ILE A 120 -9.28 24.84 19.95
C ILE A 120 -7.88 24.32 20.27
N SER A 121 -7.08 25.18 20.88
CA SER A 121 -5.69 24.87 21.21
C SER A 121 -5.54 23.54 21.94
N GLN A 122 -6.55 23.16 22.74
CA GLN A 122 -6.48 21.93 23.53
C GLN A 122 -6.73 20.68 22.69
N GLU A 123 -7.25 20.80 21.47
CA GLU A 123 -7.62 19.64 20.67
C GLU A 123 -6.43 18.90 20.09
N SER A 124 -5.22 19.43 20.21
CA SER A 124 -4.05 18.69 19.75
C SER A 124 -2.80 19.29 20.35
N ASP A 125 -1.94 18.43 20.94
CA ASP A 125 -0.65 18.84 21.47
C ASP A 125 0.51 18.38 20.59
N SER A 126 0.25 18.00 19.35
CA SER A 126 1.30 17.36 18.53
C SER A 126 2.32 18.38 18.02
N PRO A 127 3.52 17.92 17.64
CA PRO A 127 4.53 18.84 17.09
C PRO A 127 4.04 19.63 15.90
N PHE A 128 3.23 19.03 15.05
CA PHE A 128 2.64 19.77 13.95
C PHE A 128 1.16 19.50 13.95
N VAL A 129 0.37 20.48 13.51
CA VAL A 129 -1.07 20.40 13.60
C VAL A 129 -1.61 20.83 12.24
N PHE A 130 -2.29 19.92 11.54
CA PHE A 130 -2.87 20.19 10.24
C PHE A 130 -4.22 20.84 10.44
N ILE A 131 -4.40 22.06 9.93
CA ILE A 131 -5.67 22.77 10.06
C ILE A 131 -6.59 22.36 8.91
N CYS A 132 -7.76 21.82 9.23
CA CYS A 132 -8.64 21.22 8.24
C CYS A 132 -9.92 22.04 8.13
N LYS A 133 -10.35 22.32 6.90
CA LYS A 133 -11.61 23.03 6.71
C LYS A 133 -12.35 22.37 5.56
N ASN A 134 -13.61 22.79 5.38
CA ASN A 134 -14.46 22.33 4.30
C ASN A 134 -14.54 20.80 4.21
N PRO A 135 -14.88 20.12 5.31
CA PRO A 135 -14.96 18.65 5.26
C PRO A 135 -16.05 18.17 4.32
N GLN A 136 -15.72 17.17 3.52
CA GLN A 136 -16.68 16.51 2.65
C GLN A 136 -16.58 15.00 2.83
N GLU A 137 -17.71 14.33 2.69
CA GLU A 137 -17.79 12.90 2.95
C GLU A 137 -18.37 12.20 1.73
N MET A 138 -17.75 11.10 1.29
CA MET A 138 -18.32 10.35 0.19
C MET A 138 -19.53 9.55 0.65
N VAL A 139 -20.43 9.29 -0.30
CA VAL A 139 -21.63 8.51 0.02
C VAL A 139 -21.29 7.03 0.09
N VAL A 140 -20.53 6.55 -0.89
CA VAL A 140 -19.99 5.20 -0.89
C VAL A 140 -18.51 5.24 -0.55
N LYS A 141 -18.10 4.49 0.48
CA LYS A 141 -16.71 4.47 0.91
C LYS A 141 -15.98 3.38 0.11
N PHE A 142 -15.06 3.80 -0.74
CA PHE A 142 -14.30 2.90 -1.62
C PHE A 142 -13.19 2.20 -0.84
N PRO A 143 -13.09 0.88 -0.89
CA PRO A 143 -11.96 0.22 -0.21
C PRO A 143 -10.64 0.61 -0.87
N ILE A 144 -9.60 0.69 -0.05
CA ILE A 144 -8.30 1.19 -0.49
C ILE A 144 -7.25 0.70 0.49
N LYS A 145 -6.02 0.55 0.00
CA LYS A 145 -4.84 0.22 0.78
C LYS A 145 -3.99 1.48 0.88
N GLY A 146 -3.63 1.89 2.08
CA GLY A 146 -2.97 3.17 2.26
C GLY A 146 -1.44 3.09 2.24
N ASN A 147 -0.81 4.25 2.39
CA ASN A 147 0.64 4.27 2.49
C ASN A 147 0.97 5.29 3.57
N PRO A 148 2.23 5.42 4.00
CA PRO A 148 2.55 6.40 5.04
C PRO A 148 2.44 7.85 4.58
N LYS A 149 2.21 8.74 5.55
CA LYS A 149 2.27 10.20 5.36
C LYS A 149 1.24 10.57 4.29
N ILE A 150 1.52 11.56 3.45
CA ILE A 150 0.60 11.99 2.40
C ILE A 150 1.01 11.35 1.09
N TRP A 151 0.14 10.52 0.53
CA TRP A 151 0.52 9.69 -0.60
C TRP A 151 -0.41 9.94 -1.78
N LYS A 152 0.08 9.59 -2.96
CA LYS A 152 -0.58 9.94 -4.20
C LYS A 152 -1.59 8.86 -4.59
N LEU A 153 -2.83 9.27 -4.86
CA LEU A 153 -3.85 8.35 -5.34
C LEU A 153 -3.68 8.04 -6.82
N ASP A 154 -4.08 6.84 -7.22
CA ASP A 154 -4.25 6.57 -8.65
C ASP A 154 -5.23 7.54 -9.27
N SER A 155 -4.90 8.03 -10.46
CA SER A 155 -5.70 9.11 -11.05
C SER A 155 -7.11 8.67 -11.32
N LYS A 156 -7.32 7.37 -11.54
CA LYS A 156 -8.66 6.87 -11.81
C LYS A 156 -9.42 6.60 -10.52
N ILE A 157 -8.71 6.23 -9.46
CA ILE A 157 -9.30 6.20 -8.12
C ILE A 157 -9.68 7.60 -7.70
N HIS A 158 -8.82 8.57 -8.02
CA HIS A 158 -9.09 9.98 -7.76
C HIS A 158 -10.31 10.42 -8.55
N GLN A 159 -10.43 9.95 -9.80
CA GLN A 159 -11.58 10.30 -10.64
C GLN A 159 -12.89 9.90 -9.97
N GLY A 160 -13.03 8.60 -9.66
CA GLY A 160 -14.23 8.09 -9.04
C GLY A 160 -14.51 8.68 -7.67
N ALA A 161 -13.51 9.25 -7.01
CA ALA A 161 -13.73 9.79 -5.68
C ALA A 161 -14.69 10.96 -5.73
N LYS A 162 -14.71 11.72 -6.83
CA LYS A 162 -15.74 12.74 -6.99
C LYS A 162 -17.00 12.15 -7.62
N GLY D 24 -10.82 -11.70 -7.31
CA GLY D 24 -10.11 -10.60 -7.96
C GLY D 24 -8.67 -10.90 -8.36
N GLY D 25 -7.81 -9.90 -8.30
CA GLY D 25 -6.40 -10.06 -8.63
C GLY D 25 -5.53 -10.03 -7.38
N TRP D 26 -4.67 -11.02 -7.27
CA TRP D 26 -3.78 -11.11 -6.14
C TRP D 26 -2.33 -10.92 -6.60
N CYS D 27 -1.55 -10.18 -5.80
CA CYS D 27 -0.24 -9.69 -6.19
C CYS D 27 0.80 -9.97 -5.11
N LEU D 28 2.05 -10.19 -5.55
CA LEU D 28 3.22 -10.29 -4.67
C LEU D 28 4.23 -9.24 -5.11
N SER D 29 4.73 -8.46 -4.15
CA SER D 29 5.73 -7.43 -4.40
C SER D 29 7.11 -8.04 -4.21
N VAL D 30 8.03 -7.76 -5.16
CA VAL D 30 9.34 -8.38 -5.21
C VAL D 30 10.37 -7.30 -5.52
N HIS D 31 11.50 -7.34 -4.81
CA HIS D 31 12.58 -6.42 -5.10
C HIS D 31 13.14 -6.70 -6.49
N GLN D 32 13.38 -5.64 -7.24
CA GLN D 32 14.26 -5.69 -8.41
C GLN D 32 15.68 -5.89 -7.94
N PRO D 33 16.55 -6.53 -8.76
CA PRO D 33 16.29 -7.05 -10.12
C PRO D 33 15.65 -8.45 -10.08
N TRP D 34 15.32 -9.05 -8.92
CA TRP D 34 14.72 -10.39 -8.91
C TRP D 34 13.36 -10.40 -9.60
N ALA D 35 12.58 -9.35 -9.40
CA ALA D 35 11.21 -9.33 -9.88
C ALA D 35 11.13 -9.49 -11.38
N SER D 36 11.94 -8.72 -12.12
CA SER D 36 11.93 -8.85 -13.57
C SER D 36 12.42 -10.22 -14.00
N LEU D 37 13.39 -10.79 -13.29
CA LEU D 37 13.79 -12.16 -13.62
C LEU D 37 12.62 -13.12 -13.45
N LEU D 38 11.78 -12.91 -12.42
CA LEU D 38 10.62 -13.76 -12.22
C LEU D 38 9.63 -13.66 -13.38
N VAL D 39 9.28 -12.45 -13.81
CA VAL D 39 8.30 -12.35 -14.88
C VAL D 39 8.89 -12.77 -16.23
N ARG D 40 10.22 -12.87 -16.33
CA ARG D 40 10.88 -13.38 -17.53
C ARG D 40 10.90 -14.90 -17.61
N GLY D 41 10.67 -15.59 -16.50
CA GLY D 41 10.96 -17.02 -16.50
C GLY D 41 12.41 -17.37 -16.23
N ILE D 42 13.29 -16.37 -16.07
CA ILE D 42 14.68 -16.67 -15.73
C ILE D 42 14.78 -17.15 -14.28
N LYS D 43 14.13 -16.45 -13.35
CA LYS D 43 14.04 -16.89 -11.97
C LYS D 43 12.77 -17.73 -11.89
N ARG D 44 12.90 -18.99 -11.48
CA ARG D 44 11.81 -19.95 -11.58
C ARG D 44 11.09 -20.19 -10.26
N VAL D 45 11.70 -19.81 -9.14
CA VAL D 45 11.09 -19.92 -7.82
C VAL D 45 11.25 -18.58 -7.11
N GLU D 46 10.43 -18.39 -6.09
CA GLU D 46 10.50 -17.25 -5.18
C GLU D 46 10.59 -17.80 -3.76
N GLY D 47 11.63 -17.42 -3.03
CA GLY D 47 11.85 -17.94 -1.69
C GLY D 47 11.41 -16.95 -0.64
N ARG D 48 10.61 -17.43 0.33
CA ARG D 48 10.14 -16.59 1.43
C ARG D 48 10.28 -17.33 2.77
N SER D 49 10.22 -16.56 3.84
CA SER D 49 10.28 -17.11 5.20
C SER D 49 8.92 -17.62 5.69
N TRP D 50 7.85 -17.43 4.92
CA TRP D 50 6.50 -17.74 5.35
C TRP D 50 5.81 -18.54 4.25
N TYR D 51 4.78 -19.31 4.63
CA TYR D 51 4.01 -20.19 3.73
C TYR D 51 2.81 -19.45 3.15
N THR D 52 2.37 -19.85 1.95
CA THR D 52 1.13 -19.28 1.42
C THR D 52 0.20 -20.34 0.85
N PRO D 53 -1.09 -20.28 1.17
CA PRO D 53 -2.06 -21.19 0.53
C PRO D 53 -2.38 -20.81 -0.90
N HIS D 54 -1.95 -19.64 -1.36
CA HIS D 54 -2.41 -19.14 -2.65
C HIS D 54 -1.91 -20.00 -3.81
N ARG D 55 -2.77 -20.20 -4.81
CA ARG D 55 -2.45 -21.00 -5.98
C ARG D 55 -3.03 -20.32 -7.20
N GLY D 56 -2.51 -20.68 -8.37
CA GLY D 56 -2.99 -20.05 -9.59
C GLY D 56 -2.28 -18.73 -9.85
N ARG D 57 -2.98 -17.86 -10.60
CA ARG D 57 -2.45 -16.60 -11.08
C ARG D 57 -1.96 -15.74 -9.92
N LEU D 58 -0.67 -15.37 -9.98
CA LEU D 58 -0.07 -14.49 -8.99
C LEU D 58 0.59 -13.35 -9.73
N TRP D 59 0.10 -12.13 -9.50
CA TRP D 59 0.70 -10.94 -10.08
C TRP D 59 1.99 -10.57 -9.35
N ILE D 60 2.94 -10.06 -10.11
CA ILE D 60 4.24 -9.66 -9.59
C ILE D 60 4.39 -8.16 -9.79
N ALA D 61 4.60 -7.44 -8.68
CA ALA D 61 4.95 -6.03 -8.70
C ALA D 61 6.36 -5.86 -8.16
N ALA D 62 7.14 -4.99 -8.79
CA ALA D 62 8.39 -4.56 -8.20
C ALA D 62 8.10 -3.63 -7.02
N THR D 63 8.83 -3.83 -5.92
CA THR D 63 8.81 -2.94 -4.79
C THR D 63 9.35 -1.58 -5.19
N ALA D 64 9.34 -0.67 -4.22
CA ALA D 64 9.92 0.64 -4.40
C ALA D 64 11.44 0.62 -4.41
N LYS D 65 12.08 -0.49 -4.02
CA LYS D 65 13.55 -0.50 -3.99
C LYS D 65 14.13 -0.26 -5.38
N LYS D 66 15.11 0.63 -5.44
CA LYS D 66 15.82 0.89 -6.67
C LYS D 66 17.07 0.03 -6.70
N PRO D 67 17.22 -0.89 -7.64
CA PRO D 67 18.46 -1.69 -7.62
C PRO D 67 19.60 -0.85 -8.14
N SER D 68 20.77 -1.06 -7.57
CA SER D 68 22.00 -0.45 -8.04
C SER D 68 22.51 -1.17 -9.28
N PRO D 69 23.36 -0.53 -10.09
CA PRO D 69 23.99 -1.26 -11.19
C PRO D 69 24.77 -2.46 -10.72
N GLN D 70 25.38 -2.39 -9.54
CA GLN D 70 26.07 -3.56 -9.01
C GLN D 70 25.11 -4.69 -8.73
N GLU D 71 23.98 -4.38 -8.09
CA GLU D 71 23.01 -5.43 -7.77
C GLU D 71 22.55 -6.15 -9.04
N VAL D 72 22.32 -5.41 -10.11
CA VAL D 72 21.90 -5.99 -11.38
C VAL D 72 22.97 -6.92 -11.95
N SER D 73 24.22 -6.44 -12.00
CA SER D 73 25.29 -7.25 -12.57
C SER D 73 25.60 -8.45 -11.69
N GLU D 74 25.62 -8.28 -10.37
CA GLU D 74 25.83 -9.43 -9.49
C GLU D 74 24.72 -10.47 -9.61
N LEU D 75 23.46 -10.03 -9.68
CA LEU D 75 22.40 -11.02 -9.86
C LEU D 75 22.52 -11.69 -11.22
N GLN D 76 22.86 -10.95 -12.26
CA GLN D 76 22.97 -11.59 -13.55
C GLN D 76 24.08 -12.63 -13.56
N ALA D 77 25.20 -12.31 -12.89
CA ALA D 77 26.30 -13.26 -12.74
C ALA D 77 25.86 -14.52 -12.03
N THR D 78 25.16 -14.39 -10.90
CA THR D 78 24.74 -15.61 -10.21
C THR D 78 23.84 -16.45 -11.10
N TYR D 79 22.96 -15.83 -11.88
CA TYR D 79 22.13 -16.65 -12.76
C TYR D 79 22.86 -17.17 -13.98
N ARG D 80 24.01 -16.59 -14.35
CA ARG D 80 24.83 -17.25 -15.35
C ARG D 80 25.40 -18.55 -14.81
N LEU D 81 25.83 -18.56 -13.54
CA LEU D 81 26.23 -19.81 -12.88
C LEU D 81 25.11 -20.84 -12.89
N LEU D 82 23.85 -20.40 -12.74
CA LEU D 82 22.75 -21.35 -12.58
C LEU D 82 22.10 -21.76 -13.89
N ARG D 83 22.06 -20.91 -14.89
CA ARG D 83 21.28 -21.24 -16.07
C ARG D 83 22.06 -21.07 -17.37
N GLY D 84 23.33 -20.74 -17.29
CA GLY D 84 24.21 -20.71 -18.45
C GLY D 84 24.58 -19.29 -18.87
N LYS D 85 25.62 -19.22 -19.69
CA LYS D 85 26.07 -17.94 -20.25
C LYS D 85 25.16 -17.37 -21.29
N ASP D 86 24.24 -18.13 -21.86
CA ASP D 86 23.38 -17.58 -22.88
C ASP D 86 22.00 -17.18 -22.36
N VAL D 87 21.83 -16.96 -21.06
CA VAL D 87 20.59 -16.37 -20.56
C VAL D 87 20.40 -14.97 -21.14
N GLU D 88 19.21 -14.70 -21.66
CA GLU D 88 18.83 -13.38 -22.16
C GLU D 88 18.14 -12.58 -21.06
N PHE D 89 18.89 -11.72 -20.36
CA PHE D 89 18.34 -10.92 -19.28
C PHE D 89 17.52 -9.72 -19.76
N PRO D 90 16.60 -9.23 -18.95
CA PRO D 90 15.92 -7.97 -19.29
C PRO D 90 16.91 -6.81 -19.39
N ASN D 91 16.54 -5.81 -20.17
CA ASN D 91 17.31 -4.58 -20.31
C ASN D 91 16.81 -3.44 -19.43
N ASP D 92 15.72 -3.64 -18.69
CA ASP D 92 15.27 -2.67 -17.71
C ASP D 92 14.73 -3.40 -16.49
N TYR D 93 14.85 -2.76 -15.33
CA TYR D 93 14.44 -3.36 -14.06
C TYR D 93 13.70 -2.28 -13.29
N PRO D 94 12.54 -1.84 -13.78
CA PRO D 94 11.87 -0.70 -13.17
C PRO D 94 11.21 -1.05 -11.85
N SER D 95 11.26 -0.10 -10.94
CA SER D 95 10.74 -0.29 -9.60
C SER D 95 9.33 0.27 -9.50
N GLY D 96 8.60 -0.18 -8.48
CA GLY D 96 7.33 0.45 -8.21
C GLY D 96 6.26 0.28 -9.28
N CYS D 97 6.18 -0.89 -9.90
CA CYS D 97 5.19 -1.06 -10.95
C CYS D 97 4.79 -2.53 -11.05
N LEU D 98 3.60 -2.75 -11.62
CA LEU D 98 3.14 -4.08 -11.97
C LEU D 98 3.93 -4.56 -13.18
N LEU D 99 4.54 -5.73 -13.07
CA LEU D 99 5.46 -6.22 -14.09
C LEU D 99 4.84 -7.30 -14.96
N GLY D 100 3.96 -8.09 -14.39
CA GLY D 100 3.45 -9.27 -15.06
C GLY D 100 2.85 -10.21 -14.03
N CYS D 101 2.95 -11.50 -14.33
CA CYS D 101 2.35 -12.52 -13.49
C CYS D 101 3.02 -13.87 -13.73
N VAL D 102 2.85 -14.75 -12.75
CA VAL D 102 3.18 -16.15 -12.85
C VAL D 102 1.99 -16.96 -12.36
N ASP D 103 2.04 -18.27 -12.56
CA ASP D 103 1.12 -19.15 -11.87
C ASP D 103 1.87 -19.79 -10.71
N LEU D 104 1.33 -19.63 -9.49
CA LEU D 104 1.96 -20.22 -8.31
C LEU D 104 1.37 -21.62 -8.16
N ILE D 105 2.11 -22.63 -8.61
CA ILE D 105 1.56 -23.99 -8.63
C ILE D 105 1.72 -24.71 -7.30
N ASP D 106 2.68 -24.32 -6.45
CA ASP D 106 2.92 -24.99 -5.18
C ASP D 106 3.81 -24.13 -4.28
N CYS D 107 3.71 -24.36 -2.98
CA CYS D 107 4.52 -23.70 -1.97
C CYS D 107 5.12 -24.78 -1.08
N LEU D 108 6.38 -25.14 -1.36
CA LEU D 108 7.00 -26.28 -0.70
C LEU D 108 7.93 -25.81 0.40
N SER D 109 8.02 -26.61 1.46
CA SER D 109 9.07 -26.36 2.42
C SER D 109 10.41 -26.56 1.74
N GLN D 110 11.45 -26.05 2.38
CA GLN D 110 12.80 -26.23 1.90
C GLN D 110 13.17 -27.70 1.77
N LYS D 111 12.68 -28.53 2.67
CA LYS D 111 13.01 -29.95 2.57
C LYS D 111 12.32 -30.56 1.35
N GLN D 112 11.01 -30.38 1.22
CA GLN D 112 10.34 -30.93 0.05
C GLN D 112 10.83 -30.28 -1.24
N PHE D 113 11.31 -29.04 -1.20
CA PHE D 113 11.85 -28.43 -2.40
C PHE D 113 13.02 -29.25 -2.92
N LYS D 114 14.04 -29.46 -2.06
CA LYS D 114 15.19 -30.26 -2.46
C LYS D 114 14.76 -31.62 -3.00
N GLU D 115 13.78 -32.25 -2.35
CA GLU D 115 13.37 -33.59 -2.76
C GLU D 115 12.58 -33.58 -4.06
N GLN D 116 11.72 -32.59 -4.26
CA GLN D 116 10.87 -32.57 -5.45
C GLN D 116 11.47 -31.79 -6.61
N PHE D 117 12.57 -31.07 -6.39
CA PHE D 117 13.13 -30.26 -7.46
C PHE D 117 14.65 -30.25 -7.33
N PRO D 118 15.29 -31.42 -7.35
CA PRO D 118 16.72 -31.45 -7.07
C PRO D 118 17.54 -30.85 -8.19
N ASP D 119 16.93 -30.66 -9.37
CA ASP D 119 17.64 -30.02 -10.48
C ASP D 119 17.64 -28.50 -10.35
N ILE D 120 16.87 -27.93 -9.44
CA ILE D 120 16.92 -26.50 -9.22
C ILE D 120 17.01 -26.20 -7.73
N SER D 121 17.25 -27.23 -6.92
CA SER D 121 17.30 -27.05 -5.48
C SER D 121 18.23 -25.91 -5.10
N GLN D 122 19.27 -25.69 -5.89
CA GLN D 122 20.25 -24.66 -5.61
C GLN D 122 19.74 -23.24 -5.85
N GLU D 123 18.62 -23.06 -6.56
CA GLU D 123 18.11 -21.70 -6.77
C GLU D 123 17.50 -21.06 -5.54
N SER D 124 17.35 -21.77 -4.41
CA SER D 124 16.73 -21.11 -3.26
C SER D 124 17.06 -21.83 -1.96
N ASP D 125 17.53 -21.07 -0.97
CA ASP D 125 17.86 -21.56 0.35
C ASP D 125 16.81 -21.16 1.40
N SER D 126 15.63 -20.66 0.97
CA SER D 126 14.62 -20.11 1.87
C SER D 126 13.73 -21.20 2.47
N PRO D 127 13.11 -20.90 3.64
CA PRO D 127 12.26 -21.89 4.32
C PRO D 127 11.08 -22.40 3.50
N PHE D 128 10.44 -21.55 2.71
CA PHE D 128 9.39 -21.99 1.81
C PHE D 128 9.74 -21.49 0.43
N VAL D 129 9.31 -22.24 -0.59
CA VAL D 129 9.72 -21.95 -1.95
C VAL D 129 8.48 -21.98 -2.83
N PHE D 130 8.20 -20.84 -3.45
CA PHE D 130 7.05 -20.69 -4.33
C PHE D 130 7.41 -21.23 -5.71
N ILE D 131 6.72 -22.28 -6.14
CA ILE D 131 6.98 -22.91 -7.44
C ILE D 131 6.11 -22.19 -8.46
N CYS D 132 6.76 -21.58 -9.46
CA CYS D 132 6.10 -20.69 -10.42
C CYS D 132 6.18 -21.25 -11.84
N LYS D 133 5.08 -21.17 -12.59
CA LYS D 133 5.09 -21.51 -14.01
C LYS D 133 4.27 -20.49 -14.78
N ASN D 134 4.34 -20.57 -16.12
CA ASN D 134 3.66 -19.68 -17.05
C ASN D 134 4.01 -18.21 -16.79
N PRO D 135 5.29 -17.84 -16.69
CA PRO D 135 5.59 -16.42 -16.48
C PRO D 135 5.10 -15.57 -17.64
N GLN D 136 4.52 -14.43 -17.30
CA GLN D 136 4.14 -13.42 -18.28
C GLN D 136 4.67 -12.06 -17.83
N GLU D 137 4.99 -11.22 -18.83
CA GLU D 137 5.58 -9.90 -18.63
C GLU D 137 4.75 -8.88 -19.38
N MET D 138 4.34 -7.83 -18.69
CA MET D 138 3.55 -6.80 -19.33
C MET D 138 4.44 -5.88 -20.17
N VAL D 139 3.87 -5.39 -21.27
CA VAL D 139 4.62 -4.46 -22.12
C VAL D 139 4.58 -3.08 -21.52
N VAL D 140 3.42 -2.61 -21.10
CA VAL D 140 3.33 -1.36 -20.36
C VAL D 140 3.13 -1.72 -18.89
N LYS D 141 4.08 -1.27 -18.05
CA LYS D 141 4.09 -1.59 -16.63
C LYS D 141 3.32 -0.51 -15.88
N PHE D 142 2.22 -0.88 -15.28
CA PHE D 142 1.43 0.11 -14.57
C PHE D 142 2.10 0.48 -13.24
N PRO D 143 2.25 1.76 -12.94
CA PRO D 143 2.80 2.13 -11.64
C PRO D 143 1.89 1.61 -10.54
N ILE D 144 2.49 1.24 -9.41
CA ILE D 144 1.71 0.64 -8.32
C ILE D 144 2.48 0.83 -7.02
N LYS D 145 1.74 0.89 -5.91
CA LYS D 145 2.29 0.89 -4.56
C LYS D 145 1.86 -0.43 -3.91
N GLY D 146 2.84 -1.21 -3.42
CA GLY D 146 2.58 -2.57 -2.98
C GLY D 146 2.17 -2.68 -1.52
N ASN D 147 1.98 -3.91 -1.08
CA ASN D 147 1.66 -4.23 0.29
C ASN D 147 2.40 -5.51 0.70
N PRO D 148 2.38 -5.90 1.98
CA PRO D 148 3.09 -7.13 2.39
C PRO D 148 2.40 -8.40 1.91
N LYS D 149 3.21 -9.45 1.80
CA LYS D 149 2.75 -10.82 1.56
C LYS D 149 1.95 -10.80 0.25
N ILE D 150 0.91 -11.60 0.10
CA ILE D 150 0.14 -11.62 -1.14
C ILE D 150 -1.13 -10.79 -0.93
N TRP D 151 -1.26 -9.70 -1.70
CA TRP D 151 -2.29 -8.70 -1.46
C TRP D 151 -3.15 -8.45 -2.71
N LYS D 152 -4.34 -7.88 -2.50
CA LYS D 152 -5.34 -7.75 -3.55
C LYS D 152 -5.18 -6.48 -4.36
N LEU D 153 -5.15 -6.62 -5.67
CA LEU D 153 -5.06 -5.48 -6.54
C LEU D 153 -6.38 -4.72 -6.52
N ASP D 154 -6.29 -3.39 -6.63
CA ASP D 154 -7.45 -2.59 -6.94
C ASP D 154 -8.06 -3.09 -8.24
N SER D 155 -9.39 -3.21 -8.27
CA SER D 155 -10.03 -3.95 -9.34
C SER D 155 -9.78 -3.33 -10.71
N LYS D 156 -9.52 -2.02 -10.79
CA LYS D 156 -9.39 -1.41 -12.10
C LYS D 156 -7.99 -1.55 -12.68
N ILE D 157 -6.95 -1.56 -11.84
CA ILE D 157 -5.62 -1.90 -12.33
C ILE D 157 -5.56 -3.35 -12.74
N HIS D 158 -6.22 -4.24 -12.00
CA HIS D 158 -6.27 -5.65 -12.35
C HIS D 158 -6.96 -5.87 -13.69
N GLN D 159 -8.11 -5.22 -13.88
CA GLN D 159 -8.81 -5.35 -15.14
C GLN D 159 -7.95 -4.87 -16.30
N GLY D 160 -7.43 -3.64 -16.21
CA GLY D 160 -6.56 -3.16 -17.25
C GLY D 160 -5.30 -4.00 -17.39
N ALA D 161 -4.86 -4.63 -16.29
CA ALA D 161 -3.66 -5.46 -16.37
C ALA D 161 -3.90 -6.78 -17.10
N LYS D 162 -5.10 -7.35 -16.98
CA LYS D 162 -5.32 -8.58 -17.75
C LYS D 162 -5.73 -8.27 -19.18
N LYS D 163 -6.36 -7.10 -19.39
CA LYS D 163 -6.51 -6.59 -20.74
C LYS D 163 -5.15 -6.43 -21.41
N GLY D 164 -4.21 -5.73 -20.75
CA GLY D 164 -2.91 -5.51 -21.35
C GLY D 164 -2.24 -6.78 -21.81
N LEU D 165 -2.45 -7.88 -21.08
CA LEU D 165 -2.02 -9.19 -21.51
C LEU D 165 -2.96 -9.74 -22.60
#